data_6IOV
#
_entry.id   6IOV
#
_cell.length_a   49.593
_cell.length_b   100.482
_cell.length_c   106.806
_cell.angle_alpha   90.00
_cell.angle_beta   90.00
_cell.angle_gamma   90.00
#
_symmetry.space_group_name_H-M   'P 21 21 21'
#
loop_
_entity.id
_entity.type
_entity.pdbx_description
1 polymer 'Methyl-accepting chemotaxis (MCP) signaling domain protein'
2 non-polymer ARGININE
3 water water
#
_entity_poly.entity_id   1
_entity_poly.type   'polypeptide(L)'
_entity_poly.pdbx_seq_one_letter_code
;GPLGSVRDEIRSSVSDSVDEIVDGVSKTTAEVINGRKSIAQYATSLIESNPEPDNVRTIISQPLIKNTFLLVGFGLEKDG
SNINNDPSWNPGPTWDPRVRPWYKDAKNAGKLVITAPYADSASGEILVSVATPVKDSATGQFLGSIFYDVSLAELAELVN
EVKLFDAGYVFIVSEDGTTIAHPKKEFNGKPMSEFLGESKINVDTHQVIINGKPYAVSFSDVEGEDWYVGVVIDEEIAYA
ALDELRRSTLIHHHHHH
;
_entity_poly.pdbx_strand_id   A,B
#
# COMPACT_ATOMS: atom_id res chain seq x y z
N SER A 13 -27.75 -8.92 -12.18
CA SER A 13 -27.66 -10.33 -11.79
C SER A 13 -26.24 -10.87 -12.02
N VAL A 14 -25.63 -10.46 -13.13
CA VAL A 14 -24.25 -10.83 -13.44
C VAL A 14 -23.28 -10.19 -12.45
N SER A 15 -23.52 -8.94 -12.10
CA SER A 15 -22.75 -8.30 -11.04
C SER A 15 -22.89 -9.04 -9.70
N ASP A 16 -24.11 -9.47 -9.38
CA ASP A 16 -24.38 -10.22 -8.14
C ASP A 16 -23.65 -11.56 -8.15
N SER A 17 -23.57 -12.14 -9.34
CA SER A 17 -22.92 -13.43 -9.54
C SER A 17 -21.42 -13.35 -9.26
N VAL A 18 -20.75 -12.40 -9.93
CA VAL A 18 -19.34 -12.16 -9.71
C VAL A 18 -19.10 -11.79 -8.25
N ASP A 19 -19.99 -10.98 -7.68
CA ASP A 19 -19.97 -10.69 -6.24
C ASP A 19 -19.88 -11.96 -5.38
N GLU A 20 -20.64 -12.98 -5.74
CA GLU A 20 -20.68 -14.20 -4.94
C GLU A 20 -19.41 -15.02 -5.09
N ILE A 21 -18.79 -14.94 -6.27
CA ILE A 21 -17.56 -15.67 -6.54
C ILE A 21 -16.40 -15.13 -5.70
N VAL A 22 -16.20 -13.80 -5.66
CA VAL A 22 -15.13 -13.23 -4.86
C VAL A 22 -15.38 -13.41 -3.38
N ASP A 23 -16.64 -13.35 -2.96
CA ASP A 23 -17.02 -13.62 -1.58
C ASP A 23 -16.64 -15.04 -1.16
N GLY A 24 -16.92 -16.00 -2.01
CA GLY A 24 -16.56 -17.39 -1.76
C GLY A 24 -15.05 -17.57 -1.58
N VAL A 25 -14.28 -16.96 -2.47
CA VAL A 25 -12.84 -17.04 -2.40
C VAL A 25 -12.34 -16.30 -1.16
N SER A 26 -12.94 -15.15 -0.88
CA SER A 26 -12.59 -14.40 0.32
C SER A 26 -12.77 -15.23 1.60
N LYS A 27 -13.87 -15.98 1.66
CA LYS A 27 -14.20 -16.77 2.84
C LYS A 27 -13.15 -17.88 3.02
N THR A 28 -12.90 -18.64 1.96
CA THR A 28 -11.89 -19.67 2.01
C THR A 28 -10.51 -19.09 2.35
N THR A 29 -10.19 -17.93 1.78
CA THR A 29 -8.88 -17.31 1.99
C THR A 29 -8.74 -16.89 3.44
N ALA A 30 -9.82 -16.37 4.02
CA ALA A 30 -9.80 -16.00 5.43
C ALA A 30 -9.58 -17.23 6.33
N GLU A 31 -10.25 -18.34 6.00
CA GLU A 31 -10.13 -19.58 6.76
C GLU A 31 -8.69 -20.09 6.74
N VAL A 32 -8.04 -20.00 5.58
CA VAL A 32 -6.67 -20.45 5.46
C VAL A 32 -5.69 -19.54 6.22
N ILE A 33 -5.86 -18.22 6.11
CA ILE A 33 -4.99 -17.30 6.80
C ILE A 33 -5.18 -17.39 8.30
N ASN A 34 -6.43 -17.42 8.76
CA ASN A 34 -6.69 -17.60 10.19
C ASN A 34 -6.13 -18.92 10.73
N GLY A 35 -6.14 -19.97 9.91
CA GLY A 35 -5.58 -21.24 10.31
C GLY A 35 -4.07 -21.13 10.55
N ARG A 36 -3.35 -20.48 9.64
CA ARG A 36 -1.91 -20.32 9.79
C ARG A 36 -1.59 -19.45 10.99
N LYS A 37 -2.39 -18.42 11.19
CA LYS A 37 -2.30 -17.53 12.36
C LYS A 37 -2.42 -18.30 13.67
N SER A 38 -3.43 -19.17 13.73
CA SER A 38 -3.71 -19.95 14.91
C SER A 38 -2.54 -20.85 15.23
N ILE A 39 -1.96 -21.45 14.20
CA ILE A 39 -0.79 -22.32 14.38
C ILE A 39 0.43 -21.53 14.91
N ALA A 40 0.69 -20.35 14.34
CA ALA A 40 1.77 -19.50 14.85
C ALA A 40 1.53 -19.09 16.31
N GLN A 41 0.30 -18.69 16.63
CA GLN A 41 -0.07 -18.31 18.00
C GLN A 41 0.16 -19.44 19.02
N TYR A 42 -0.22 -20.65 18.62
CA TYR A 42 -0.07 -21.82 19.47
C TYR A 42 1.39 -22.04 19.84
N ALA A 43 2.23 -22.05 18.81
CA ALA A 43 3.65 -22.27 18.95
C ALA A 43 4.27 -21.16 19.80
N THR A 44 3.89 -19.92 19.52
CA THR A 44 4.36 -18.81 20.32
C THR A 44 3.97 -18.94 21.79
N SER A 45 2.75 -19.37 22.06
CA SER A 45 2.31 -19.66 23.42
C SER A 45 3.16 -20.73 24.13
N LEU A 46 3.49 -21.79 23.41
CA LEU A 46 4.30 -22.87 23.99
C LEU A 46 5.72 -22.40 24.25
N ILE A 47 6.27 -21.64 23.32
CA ILE A 47 7.59 -21.07 23.52
C ILE A 47 7.60 -20.13 24.74
N GLU A 48 6.66 -19.18 24.77
CA GLU A 48 6.53 -18.26 25.89
C GLU A 48 6.43 -18.99 27.23
N SER A 49 5.64 -20.05 27.26
CA SER A 49 5.49 -20.88 28.44
C SER A 49 6.83 -21.39 28.97
N ASN A 50 7.76 -21.70 28.06
CA ASN A 50 9.09 -22.15 28.47
C ASN A 50 10.11 -21.98 27.37
N PRO A 51 10.74 -20.79 27.30
CA PRO A 51 11.59 -20.47 26.16
C PRO A 51 13.04 -20.96 26.26
N GLU A 52 13.31 -22.06 26.96
CA GLU A 52 14.64 -22.65 26.93
C GLU A 52 14.95 -23.03 25.49
N PRO A 53 16.20 -22.81 25.05
CA PRO A 53 16.57 -23.06 23.65
C PRO A 53 16.14 -24.42 23.10
N ASP A 54 16.36 -25.48 23.87
CA ASP A 54 16.06 -26.82 23.38
C ASP A 54 14.56 -27.04 23.28
N ASN A 55 13.80 -26.41 24.17
CA ASN A 55 12.36 -26.48 24.05
C ASN A 55 11.85 -25.73 22.82
N VAL A 56 12.47 -24.59 22.50
CA VAL A 56 12.11 -23.80 21.32
C VAL A 56 12.40 -24.59 20.05
N ARG A 57 13.56 -25.21 20.02
CA ARG A 57 14.00 -26.05 18.91
C ARG A 57 12.98 -27.17 18.68
N THR A 58 12.54 -27.79 19.76
CA THR A 58 11.61 -28.91 19.71
C THR A 58 10.22 -28.52 19.17
N ILE A 59 9.75 -27.36 19.63
CA ILE A 59 8.48 -26.77 19.22
C ILE A 59 8.43 -26.39 17.74
N ILE A 60 9.48 -25.79 17.20
CA ILE A 60 9.41 -25.25 15.85
C ILE A 60 9.89 -26.22 14.77
N SER A 61 10.54 -27.30 15.17
CA SER A 61 11.12 -28.24 14.20
C SER A 61 10.24 -29.45 13.88
N GLN A 62 8.99 -29.46 14.35
CA GLN A 62 8.05 -30.53 14.02
C GLN A 62 7.44 -30.35 12.63
N PRO A 63 7.03 -31.48 11.98
CA PRO A 63 6.39 -31.47 10.65
C PRO A 63 5.22 -30.51 10.48
N LEU A 64 4.30 -30.44 11.45
CA LEU A 64 3.24 -29.44 11.39
C LEU A 64 3.76 -28.02 11.13
N ILE A 65 4.83 -27.63 11.82
CA ILE A 65 5.39 -26.29 11.67
C ILE A 65 6.19 -26.18 10.37
N LYS A 66 7.06 -27.16 10.09
CA LYS A 66 7.84 -27.11 8.85
C LYS A 66 6.96 -27.20 7.57
N ASN A 67 5.74 -27.71 7.69
CA ASN A 67 4.86 -27.86 6.52
C ASN A 67 3.90 -26.69 6.29
N THR A 68 3.70 -25.89 7.33
CA THR A 68 2.73 -24.80 7.29
C THR A 68 3.39 -23.52 6.84
N PHE A 69 4.68 -23.39 7.16
CA PHE A 69 5.40 -22.17 6.90
C PHE A 69 6.69 -22.45 6.16
N LEU A 70 7.21 -21.46 5.45
CA LEU A 70 8.49 -21.59 4.77
C LEU A 70 9.64 -21.80 5.74
N LEU A 71 9.56 -21.11 6.87
CA LEU A 71 10.71 -20.93 7.75
C LEU A 71 10.21 -20.29 9.03
N VAL A 72 10.77 -20.72 10.16
CA VAL A 72 10.39 -20.16 11.45
C VAL A 72 11.63 -19.88 12.27
N GLY A 73 11.74 -18.66 12.79
CA GLY A 73 12.89 -18.27 13.57
C GLY A 73 12.54 -17.41 14.78
N PHE A 74 13.23 -17.67 15.88
CA PHE A 74 13.09 -16.90 17.11
C PHE A 74 14.36 -16.05 17.26
N GLY A 75 14.23 -14.73 17.15
CA GLY A 75 15.38 -13.84 17.34
C GLY A 75 15.38 -13.16 18.71
N LEU A 76 16.55 -13.06 19.34
CA LEU A 76 16.61 -12.61 20.73
C LEU A 76 17.03 -11.15 20.88
N GLU A 77 16.31 -10.44 21.75
CA GLU A 77 16.59 -9.04 22.06
C GLU A 77 17.95 -8.83 22.73
N LYS A 78 18.35 -9.81 23.54
CA LYS A 78 19.56 -9.67 24.34
C LYS A 78 20.81 -9.48 23.48
N ASP A 79 21.05 -10.40 22.54
CA ASP A 79 22.32 -10.44 21.78
C ASP A 79 22.13 -10.59 20.27
N GLY A 80 20.87 -10.61 19.82
CA GLY A 80 20.60 -10.75 18.41
C GLY A 80 20.87 -12.15 17.87
N SER A 81 20.90 -13.13 18.77
CA SER A 81 21.05 -14.51 18.32
C SER A 81 19.69 -15.03 17.88
N ASN A 82 19.66 -16.27 17.37
CA ASN A 82 18.39 -16.84 16.90
C ASN A 82 18.38 -18.36 16.87
N ILE A 83 17.18 -18.92 16.98
CA ILE A 83 16.92 -20.34 16.78
C ILE A 83 15.89 -20.47 15.66
N ASN A 84 16.25 -21.17 14.59
CA ASN A 84 15.33 -21.36 13.48
C ASN A 84 15.21 -22.86 13.14
N ASN A 85 14.19 -23.21 12.35
CA ASN A 85 13.91 -24.60 12.03
C ASN A 85 14.48 -25.06 10.68
N ASP A 86 15.43 -24.31 10.14
CA ASP A 86 16.16 -24.73 8.96
C ASP A 86 17.63 -24.99 9.29
N PRO A 87 18.00 -26.27 9.40
CA PRO A 87 19.36 -26.68 9.80
C PRO A 87 20.45 -26.20 8.85
N SER A 88 20.09 -25.86 7.62
CA SER A 88 21.06 -25.43 6.62
C SER A 88 21.16 -23.90 6.53
N TRP A 89 20.38 -23.22 7.37
CA TRP A 89 20.48 -21.77 7.45
C TRP A 89 21.19 -21.35 8.72
N ASN A 90 22.40 -20.83 8.56
CA ASN A 90 23.20 -20.38 9.68
C ASN A 90 23.75 -19.01 9.37
N PRO A 91 22.88 -17.99 9.50
CA PRO A 91 23.28 -16.62 9.19
C PRO A 91 24.39 -16.21 10.15
N GLY A 92 25.40 -15.52 9.65
CA GLY A 92 26.40 -14.98 10.56
C GLY A 92 25.92 -13.66 11.11
N PRO A 93 26.80 -12.95 11.82
CA PRO A 93 26.42 -11.74 12.56
C PRO A 93 25.96 -10.55 11.69
N THR A 94 26.11 -10.57 10.36
CA THR A 94 25.56 -9.47 9.54
C THR A 94 24.04 -9.61 9.38
N TRP A 95 23.49 -10.69 9.92
CA TRP A 95 22.04 -10.82 10.02
C TRP A 95 21.61 -10.63 11.46
N ASP A 96 21.13 -9.43 11.77
CA ASP A 96 20.65 -9.11 13.10
C ASP A 96 19.13 -9.13 13.06
N PRO A 97 18.51 -10.11 13.72
CA PRO A 97 17.04 -10.20 13.60
C PRO A 97 16.32 -8.97 14.16
N ARG A 98 16.96 -8.25 15.07
CA ARG A 98 16.28 -7.17 15.79
C ARG A 98 16.00 -5.97 14.91
N VAL A 99 16.71 -5.87 13.78
CA VAL A 99 16.50 -4.76 12.87
C VAL A 99 15.53 -5.14 11.74
N ARG A 100 15.14 -6.40 11.67
CA ARG A 100 14.25 -6.85 10.58
C ARG A 100 12.82 -6.33 10.77
N PRO A 101 12.11 -6.10 9.65
CA PRO A 101 10.72 -5.61 9.68
C PRO A 101 9.76 -6.47 10.51
N TRP A 102 9.83 -7.79 10.37
CA TRP A 102 8.95 -8.66 11.14
C TRP A 102 9.19 -8.54 12.65
N TYR A 103 10.45 -8.40 13.04
CA TYR A 103 10.82 -8.25 14.44
C TYR A 103 10.20 -6.99 15.03
N LYS A 104 10.36 -5.88 14.32
CA LYS A 104 9.87 -4.58 14.78
C LYS A 104 8.36 -4.50 14.75
N ASP A 105 7.74 -5.15 13.77
CA ASP A 105 6.30 -5.19 13.68
C ASP A 105 5.71 -5.92 14.87
N ALA A 106 6.32 -7.03 15.25
CA ALA A 106 5.80 -7.84 16.34
C ALA A 106 5.93 -7.07 17.65
N LYS A 107 7.08 -6.43 17.82
CA LYS A 107 7.35 -5.61 18.99
C LYS A 107 6.37 -4.43 19.09
N ASN A 108 6.16 -3.74 17.97
CA ASN A 108 5.24 -2.61 17.94
C ASN A 108 3.80 -3.00 18.23
N ALA A 109 3.36 -4.12 17.69
CA ALA A 109 1.97 -4.54 17.84
C ALA A 109 1.70 -5.14 19.21
N GLY A 110 2.72 -5.76 19.82
CA GLY A 110 2.57 -6.37 21.12
C GLY A 110 1.72 -7.62 21.07
N LYS A 111 1.47 -8.12 19.86
CA LYS A 111 0.69 -9.34 19.67
C LYS A 111 0.96 -9.83 18.25
N LEU A 112 0.29 -10.91 17.85
CA LEU A 112 0.43 -11.47 16.50
C LEU A 112 0.01 -10.46 15.42
N VAL A 113 0.79 -10.41 14.33
CA VAL A 113 0.53 -9.47 13.26
C VAL A 113 1.12 -10.07 11.99
N ILE A 114 0.62 -9.66 10.83
CA ILE A 114 1.24 -10.04 9.57
C ILE A 114 1.90 -8.83 8.93
N THR A 115 3.11 -9.01 8.44
CA THR A 115 3.84 -7.89 7.83
C THR A 115 3.21 -7.48 6.50
N ALA A 116 3.60 -6.30 6.01
CA ALA A 116 3.41 -5.98 4.62
C ALA A 116 4.45 -6.79 3.85
N PRO A 117 4.27 -6.96 2.52
CA PRO A 117 5.31 -7.64 1.74
C PRO A 117 6.68 -6.98 1.91
N TYR A 118 7.72 -7.79 2.03
CA TYR A 118 9.08 -7.29 2.11
C TYR A 118 10.03 -8.31 1.49
N ALA A 119 11.27 -7.92 1.23
CA ALA A 119 12.25 -8.81 0.61
C ALA A 119 12.95 -9.70 1.63
N ASP A 120 12.87 -11.01 1.43
CA ASP A 120 13.56 -11.99 2.27
C ASP A 120 15.09 -11.80 2.28
N SER A 121 15.70 -11.94 3.45
CA SER A 121 17.16 -11.76 3.61
C SER A 121 18.01 -12.69 2.75
N ALA A 122 17.60 -13.95 2.67
CA ALA A 122 18.37 -14.95 1.98
C ALA A 122 18.10 -14.96 0.48
N SER A 123 16.82 -15.03 0.10
CA SER A 123 16.46 -15.19 -1.32
C SER A 123 16.20 -13.88 -2.06
N GLY A 124 15.85 -12.83 -1.34
CA GLY A 124 15.42 -11.62 -1.99
C GLY A 124 13.98 -11.69 -2.48
N GLU A 125 13.31 -12.83 -2.29
CA GLU A 125 11.91 -12.94 -2.70
C GLU A 125 11.02 -12.10 -1.80
N ILE A 126 9.98 -11.55 -2.40
CA ILE A 126 8.96 -10.85 -1.66
C ILE A 126 8.04 -11.87 -0.97
N LEU A 127 7.99 -11.78 0.36
CA LEU A 127 7.08 -12.62 1.12
C LEU A 127 6.38 -11.75 2.17
N VAL A 128 5.53 -12.38 2.97
CA VAL A 128 5.06 -11.79 4.23
C VAL A 128 5.35 -12.77 5.35
N SER A 129 5.37 -12.26 6.58
CA SER A 129 5.58 -13.09 7.75
C SER A 129 4.50 -12.86 8.81
N VAL A 130 3.98 -13.94 9.39
CA VAL A 130 3.29 -13.86 10.66
C VAL A 130 4.35 -13.54 11.73
N ALA A 131 4.10 -12.60 12.64
CA ALA A 131 5.13 -12.26 13.61
C ALA A 131 4.54 -12.06 15.00
N THR A 132 5.25 -12.56 16.01
CA THR A 132 4.73 -12.49 17.37
C THR A 132 5.84 -12.11 18.34
N PRO A 133 5.55 -11.22 19.30
CA PRO A 133 6.52 -10.93 20.35
C PRO A 133 6.50 -12.03 21.41
N VAL A 134 7.62 -12.19 22.10
CA VAL A 134 7.73 -13.16 23.20
C VAL A 134 8.16 -12.42 24.46
N LYS A 135 7.43 -12.63 25.54
CA LYS A 135 7.76 -11.98 26.80
C LYS A 135 8.11 -13.01 27.88
N ASP A 136 9.04 -12.64 28.76
CA ASP A 136 9.32 -13.42 29.96
C ASP A 136 8.01 -13.63 30.74
N SER A 137 7.68 -14.88 31.00
CA SER A 137 6.48 -15.26 31.74
C SER A 137 6.37 -14.62 33.11
N ALA A 138 7.49 -14.40 33.77
CA ALA A 138 7.49 -14.00 35.16
C ALA A 138 7.70 -12.50 35.34
N THR A 139 8.65 -11.94 34.60
CA THR A 139 8.99 -10.52 34.79
C THR A 139 8.39 -9.61 33.74
N GLY A 140 7.85 -10.21 32.68
CA GLY A 140 7.30 -9.45 31.57
C GLY A 140 8.32 -8.83 30.63
N GLN A 141 9.58 -9.01 30.94
CA GLN A 141 10.67 -8.61 30.07
C GLN A 141 10.44 -9.08 28.62
N PHE A 142 10.75 -8.21 27.67
CA PHE A 142 10.63 -8.54 26.25
C PHE A 142 11.84 -9.37 25.83
N LEU A 143 11.59 -10.52 25.20
CA LEU A 143 12.68 -11.47 24.94
C LEU A 143 13.07 -11.47 23.47
N GLY A 144 12.14 -11.06 22.60
CA GLY A 144 12.38 -11.06 21.17
C GLY A 144 11.13 -11.39 20.38
N SER A 145 11.28 -11.74 19.11
CA SER A 145 10.13 -11.99 18.23
C SER A 145 10.33 -13.27 17.44
N ILE A 146 9.21 -13.89 17.07
CA ILE A 146 9.24 -15.04 16.19
C ILE A 146 8.64 -14.68 14.84
N PHE A 147 9.27 -15.14 13.75
CA PHE A 147 8.65 -14.97 12.45
C PHE A 147 8.22 -16.33 11.87
N TYR A 148 7.12 -16.30 11.13
CA TYR A 148 6.60 -17.47 10.45
C TYR A 148 6.40 -17.07 8.99
N ASP A 149 7.30 -17.55 8.12
CA ASP A 149 7.38 -17.04 6.75
C ASP A 149 6.31 -17.68 5.90
N VAL A 150 5.58 -16.85 5.17
CA VAL A 150 4.49 -17.29 4.30
C VAL A 150 4.83 -17.08 2.84
N SER A 151 4.76 -18.16 2.05
CA SER A 151 4.97 -18.05 0.62
C SER A 151 3.83 -17.31 -0.10
N LEU A 152 4.16 -16.23 -0.79
CA LEU A 152 3.18 -15.52 -1.59
C LEU A 152 2.81 -16.29 -2.86
N ALA A 153 3.77 -17.00 -3.45
CA ALA A 153 3.49 -17.87 -4.60
C ALA A 153 2.49 -18.94 -4.22
N GLU A 154 2.66 -19.52 -3.04
CA GLU A 154 1.73 -20.54 -2.56
C GLU A 154 0.35 -19.96 -2.25
N LEU A 155 0.30 -18.72 -1.77
CA LEU A 155 -0.98 -18.05 -1.59
C LEU A 155 -1.73 -17.83 -2.90
N ALA A 156 -1.01 -17.38 -3.92
CA ALA A 156 -1.60 -17.18 -5.26
C ALA A 156 -2.14 -18.50 -5.80
N GLU A 157 -1.38 -19.58 -5.60
CA GLU A 157 -1.82 -20.89 -6.03
C GLU A 157 -3.06 -21.33 -5.26
N LEU A 158 -3.05 -21.13 -3.95
CA LEU A 158 -4.20 -21.49 -3.14
C LEU A 158 -5.52 -20.85 -3.62
N VAL A 159 -5.51 -19.53 -3.82
CA VAL A 159 -6.76 -18.84 -4.09
C VAL A 159 -7.19 -18.95 -5.55
N ASN A 160 -6.39 -19.63 -6.36
CA ASN A 160 -6.70 -19.82 -7.77
C ASN A 160 -7.06 -21.26 -8.11
N GLU A 161 -7.00 -22.15 -7.12
CA GLU A 161 -7.19 -23.57 -7.40
C GLU A 161 -8.67 -23.88 -7.69
N VAL A 162 -9.54 -23.34 -6.86
CA VAL A 162 -10.97 -23.45 -7.08
C VAL A 162 -11.37 -22.28 -7.98
N LYS A 163 -11.62 -22.57 -9.25
CA LYS A 163 -12.00 -21.52 -10.18
C LYS A 163 -13.20 -21.91 -11.03
N LEU A 164 -14.31 -21.23 -10.74
CA LEU A 164 -15.65 -21.59 -11.20
C LEU A 164 -15.88 -21.05 -12.59
N PHE A 165 -15.37 -19.85 -12.82
CA PHE A 165 -15.47 -19.17 -14.10
C PHE A 165 -14.51 -19.73 -15.14
N ASP A 166 -14.85 -19.53 -16.40
CA ASP A 166 -14.10 -20.00 -17.55
C ASP A 166 -12.63 -19.53 -17.54
N ALA A 167 -12.43 -18.25 -17.83
CA ALA A 167 -11.08 -17.70 -17.93
C ALA A 167 -10.91 -16.48 -17.02
N GLY A 168 -9.69 -16.30 -16.54
CA GLY A 168 -9.37 -15.21 -15.64
C GLY A 168 -8.51 -15.71 -14.49
N TYR A 169 -8.46 -14.98 -13.39
CA TYR A 169 -7.67 -15.41 -12.24
C TYR A 169 -8.02 -14.67 -10.96
N VAL A 170 -7.42 -15.11 -9.87
CA VAL A 170 -7.63 -14.51 -8.55
C VAL A 170 -6.33 -13.88 -8.03
N PHE A 171 -6.46 -12.81 -7.24
CA PHE A 171 -5.31 -12.18 -6.60
C PHE A 171 -5.68 -11.59 -5.23
N ILE A 172 -4.67 -11.17 -4.47
CA ILE A 172 -4.88 -10.53 -3.16
C ILE A 172 -4.17 -9.18 -3.11
N VAL A 173 -4.81 -8.17 -2.52
CA VAL A 173 -4.20 -6.87 -2.37
C VAL A 173 -4.48 -6.35 -0.99
N SER A 174 -3.66 -5.39 -0.55
CA SER A 174 -3.92 -4.67 0.68
C SER A 174 -4.97 -3.58 0.39
N GLU A 175 -5.49 -2.95 1.44
CA GLU A 175 -6.52 -1.90 1.28
C GLU A 175 -6.15 -0.75 0.32
N ASP A 176 -4.86 -0.49 0.13
CA ASP A 176 -4.44 0.56 -0.78
C ASP A 176 -3.86 0.04 -2.09
N GLY A 177 -4.25 -1.17 -2.47
CA GLY A 177 -3.86 -1.71 -3.76
C GLY A 177 -2.46 -2.27 -3.90
N THR A 178 -1.75 -2.48 -2.79
CA THR A 178 -0.45 -3.14 -2.83
C THR A 178 -0.67 -4.64 -3.00
N THR A 179 -0.05 -5.24 -4.01
CA THR A 179 -0.29 -6.65 -4.30
C THR A 179 0.30 -7.58 -3.23
N ILE A 180 -0.56 -8.36 -2.60
CA ILE A 180 -0.12 -9.37 -1.66
C ILE A 180 0.28 -10.65 -2.40
N ALA A 181 -0.60 -11.12 -3.29
CA ALA A 181 -0.33 -12.34 -4.06
C ALA A 181 -1.00 -12.32 -5.44
N HIS A 182 -0.16 -12.43 -6.45
CA HIS A 182 -0.59 -12.54 -7.84
C HIS A 182 0.01 -13.81 -8.46
N PRO A 183 -0.75 -14.46 -9.36
CA PRO A 183 -0.27 -15.65 -10.08
C PRO A 183 1.10 -15.41 -10.71
N LYS A 184 1.33 -14.19 -11.17
CA LYS A 184 2.63 -13.79 -11.67
C LYS A 184 3.43 -13.12 -10.54
N LYS A 185 4.42 -13.84 -10.06
CA LYS A 185 5.16 -13.49 -8.86
C LYS A 185 5.78 -12.08 -8.95
N GLU A 186 6.18 -11.68 -10.14
CA GLU A 186 6.81 -10.37 -10.32
C GLU A 186 5.92 -9.20 -9.89
N PHE A 187 4.62 -9.44 -9.72
CA PHE A 187 3.74 -8.38 -9.27
C PHE A 187 3.65 -8.30 -7.75
N ASN A 188 4.13 -9.34 -7.05
CA ASN A 188 4.06 -9.34 -5.58
C ASN A 188 4.79 -8.14 -4.98
N GLY A 189 4.09 -7.40 -4.14
CA GLY A 189 4.62 -6.19 -3.55
C GLY A 189 4.46 -4.95 -4.41
N LYS A 190 3.92 -5.10 -5.62
CA LYS A 190 3.76 -3.98 -6.55
C LYS A 190 2.34 -3.41 -6.50
N PRO A 191 2.17 -2.12 -6.87
CA PRO A 191 0.80 -1.60 -6.97
C PRO A 191 -0.01 -2.38 -8.02
N MET A 192 -1.28 -2.65 -7.72
CA MET A 192 -2.13 -3.45 -8.61
C MET A 192 -2.40 -2.76 -9.95
N SER A 193 -2.07 -1.47 -10.04
CA SER A 193 -2.23 -0.72 -11.27
C SER A 193 -1.34 -1.28 -12.38
N GLU A 194 -0.28 -2.00 -12.01
CA GLU A 194 0.57 -2.68 -12.98
C GLU A 194 -0.11 -3.83 -13.77
N PHE A 195 -1.18 -4.42 -13.25
CA PHE A 195 -1.91 -5.41 -14.04
C PHE A 195 -3.40 -5.10 -14.21
N LEU A 196 -3.88 -4.06 -13.54
CA LEU A 196 -5.29 -3.65 -13.66
C LEU A 196 -5.42 -2.29 -14.35
N GLY A 197 -4.40 -1.45 -14.22
CA GLY A 197 -4.46 -0.09 -14.72
C GLY A 197 -5.35 0.80 -13.89
N GLU A 198 -5.83 0.30 -12.75
CA GLU A 198 -6.56 1.10 -11.77
C GLU A 198 -5.71 1.12 -10.54
N SER A 199 -5.75 2.19 -9.75
CA SER A 199 -4.86 2.25 -8.59
C SER A 199 -5.63 2.16 -7.27
N LYS A 200 -6.91 2.54 -7.31
CA LYS A 200 -7.80 2.51 -6.14
C LYS A 200 -8.75 1.33 -6.22
N ILE A 201 -9.06 0.73 -5.09
CA ILE A 201 -9.98 -0.40 -5.09
C ILE A 201 -11.44 0.05 -5.24
N ASN A 202 -12.11 -0.50 -6.24
CA ASN A 202 -13.55 -0.37 -6.42
C ASN A 202 -14.16 -1.74 -6.09
N VAL A 203 -14.67 -1.89 -4.87
CA VAL A 203 -15.17 -3.18 -4.41
C VAL A 203 -16.25 -3.77 -5.33
N ASP A 204 -17.22 -2.94 -5.73
CA ASP A 204 -18.32 -3.39 -6.61
C ASP A 204 -17.81 -3.89 -7.93
N THR A 205 -18.48 -4.91 -8.46
CA THR A 205 -18.19 -5.44 -9.77
C THR A 205 -18.25 -4.31 -10.79
N HIS A 206 -17.26 -4.26 -11.67
CA HIS A 206 -17.13 -3.17 -12.62
C HIS A 206 -16.29 -3.63 -13.78
N GLN A 207 -16.52 -3.04 -14.94
CA GLN A 207 -15.83 -3.47 -16.15
C GLN A 207 -14.49 -2.78 -16.22
N VAL A 208 -13.43 -3.56 -16.47
CA VAL A 208 -12.09 -3.00 -16.68
C VAL A 208 -11.55 -3.43 -18.03
N ILE A 209 -11.07 -2.48 -18.83
CA ILE A 209 -10.41 -2.81 -20.09
C ILE A 209 -8.92 -3.03 -19.88
N ILE A 210 -8.46 -4.24 -20.22
CA ILE A 210 -7.07 -4.65 -20.06
C ILE A 210 -6.54 -5.16 -21.39
N ASN A 211 -5.60 -4.43 -21.99
CA ASN A 211 -5.08 -4.76 -23.32
C ASN A 211 -6.14 -4.88 -24.40
N GLY A 212 -7.12 -3.99 -24.40
CA GLY A 212 -8.15 -4.01 -25.42
C GLY A 212 -9.37 -4.87 -25.10
N LYS A 213 -9.20 -5.94 -24.32
CA LYS A 213 -10.32 -6.83 -24.01
C LYS A 213 -10.99 -6.46 -22.69
N PRO A 214 -12.32 -6.62 -22.61
CA PRO A 214 -13.05 -6.28 -21.38
C PRO A 214 -13.00 -7.39 -20.32
N TYR A 215 -12.90 -7.01 -19.05
CA TYR A 215 -12.94 -7.98 -17.95
C TYR A 215 -13.87 -7.48 -16.85
N ALA A 216 -14.47 -8.41 -16.13
CA ALA A 216 -15.18 -8.10 -14.89
C ALA A 216 -14.21 -8.20 -13.70
N VAL A 217 -14.14 -7.11 -12.92
CA VAL A 217 -13.27 -7.07 -11.74
C VAL A 217 -14.12 -6.74 -10.51
N SER A 218 -13.79 -7.37 -9.39
CA SER A 218 -14.58 -7.27 -8.17
C SER A 218 -13.75 -7.69 -6.97
N PHE A 219 -14.06 -7.14 -5.79
CA PHE A 219 -13.26 -7.38 -4.60
C PHE A 219 -14.09 -7.79 -3.40
N SER A 220 -13.45 -8.50 -2.47
CA SER A 220 -14.12 -8.89 -1.25
C SER A 220 -13.09 -8.86 -0.16
N ASP A 221 -13.39 -8.16 0.92
CA ASP A 221 -12.43 -8.03 2.02
C ASP A 221 -12.15 -9.37 2.69
N VAL A 222 -10.92 -9.57 3.13
CA VAL A 222 -10.55 -10.79 3.83
C VAL A 222 -10.71 -10.54 5.32
N GLU A 223 -11.58 -11.32 5.98
CA GLU A 223 -11.77 -11.19 7.42
C GLU A 223 -10.44 -11.34 8.17
N GLY A 224 -10.17 -10.42 9.10
CA GLY A 224 -9.02 -10.54 9.96
C GLY A 224 -7.79 -9.82 9.46
N GLU A 225 -7.82 -9.39 8.19
CA GLU A 225 -6.77 -8.53 7.64
C GLU A 225 -7.41 -7.36 6.90
N ASP A 226 -6.64 -6.30 6.67
CA ASP A 226 -7.12 -5.32 5.72
C ASP A 226 -6.54 -5.72 4.36
N TRP A 227 -6.94 -6.91 3.93
CA TRP A 227 -6.66 -7.38 2.59
C TRP A 227 -8.00 -7.52 1.86
N TYR A 228 -7.91 -7.53 0.53
CA TYR A 228 -9.03 -7.87 -0.31
C TYR A 228 -8.60 -8.92 -1.28
N VAL A 229 -9.45 -9.90 -1.51
CA VAL A 229 -9.29 -10.78 -2.66
C VAL A 229 -9.93 -10.08 -3.87
N GLY A 230 -9.29 -10.19 -5.01
CA GLY A 230 -9.80 -9.62 -6.23
C GLY A 230 -9.95 -10.71 -7.29
N VAL A 231 -10.92 -10.53 -8.18
CA VAL A 231 -11.02 -11.42 -9.33
C VAL A 231 -10.96 -10.62 -10.64
N VAL A 232 -10.32 -11.22 -11.64
CA VAL A 232 -10.29 -10.70 -13.00
C VAL A 232 -10.94 -11.71 -13.94
N ILE A 233 -12.18 -11.48 -14.35
CA ILE A 233 -12.90 -12.48 -15.15
C ILE A 233 -13.13 -12.05 -16.59
N ASP A 234 -12.63 -12.83 -17.54
CA ASP A 234 -12.83 -12.48 -18.95
C ASP A 234 -14.29 -12.64 -19.38
N GLU A 235 -14.83 -11.63 -20.07
CA GLU A 235 -16.27 -11.59 -20.38
C GLU A 235 -16.65 -12.17 -21.75
N GLU A 236 -15.93 -13.22 -22.19
CA GLU A 236 -16.20 -13.90 -23.47
C GLU A 236 -17.69 -14.17 -23.73
N SER B 17 5.66 17.61 22.91
CA SER B 17 5.20 16.24 22.75
C SER B 17 5.04 15.88 21.28
N VAL B 18 5.78 14.87 20.84
CA VAL B 18 5.78 14.40 19.46
C VAL B 18 4.37 14.21 18.89
N ASP B 19 3.46 13.66 19.69
CA ASP B 19 2.08 13.47 19.25
C ASP B 19 1.46 14.80 18.85
N GLU B 20 1.85 15.87 19.55
CA GLU B 20 1.31 17.19 19.26
C GLU B 20 1.96 17.77 18.01
N ILE B 21 3.24 17.49 17.80
CA ILE B 21 3.93 17.94 16.60
C ILE B 21 3.35 17.28 15.36
N VAL B 22 3.13 15.97 15.42
CA VAL B 22 2.67 15.25 14.24
C VAL B 22 1.18 15.55 14.02
N ASP B 23 0.43 15.78 15.09
CA ASP B 23 -0.98 16.15 14.96
C ASP B 23 -1.12 17.52 14.29
N GLY B 24 -0.15 18.40 14.55
CA GLY B 24 -0.11 19.71 13.92
C GLY B 24 0.32 19.60 12.48
N VAL B 25 1.26 18.69 12.22
CA VAL B 25 1.70 18.48 10.85
C VAL B 25 0.58 17.84 9.97
N SER B 26 -0.28 17.03 10.57
CA SER B 26 -1.39 16.45 9.81
C SER B 26 -2.43 17.51 9.43
N LYS B 27 -2.60 18.51 10.29
CA LYS B 27 -3.53 19.60 10.02
C LYS B 27 -3.08 20.41 8.79
N THR B 28 -1.82 20.78 8.78
CA THR B 28 -1.18 21.46 7.66
C THR B 28 -1.24 20.68 6.35
N THR B 29 -0.94 19.38 6.45
CA THR B 29 -0.95 18.48 5.30
C THR B 29 -2.33 18.42 4.66
N ALA B 30 -3.35 18.39 5.50
CA ALA B 30 -4.72 18.36 5.03
C ALA B 30 -5.03 19.65 4.26
N GLU B 31 -4.56 20.78 4.77
CA GLU B 31 -4.78 22.07 4.12
C GLU B 31 -4.09 22.13 2.76
N VAL B 32 -2.83 21.69 2.72
CA VAL B 32 -2.09 21.60 1.47
C VAL B 32 -2.87 20.77 0.47
N ILE B 33 -3.20 19.54 0.88
CA ILE B 33 -3.92 18.59 0.05
C ILE B 33 -5.34 19.07 -0.31
N ASN B 34 -6.08 19.57 0.68
CA ASN B 34 -7.43 20.08 0.42
C ASN B 34 -7.43 21.28 -0.52
N GLY B 35 -6.39 22.10 -0.45
CA GLY B 35 -6.23 23.20 -1.40
C GLY B 35 -6.13 22.71 -2.83
N ARG B 36 -5.35 21.65 -3.05
CA ARG B 36 -5.23 21.11 -4.40
C ARG B 36 -6.55 20.50 -4.85
N LYS B 37 -7.26 19.85 -3.92
CA LYS B 37 -8.53 19.25 -4.22
C LYS B 37 -9.58 20.30 -4.60
N SER B 38 -9.59 21.41 -3.86
CA SER B 38 -10.56 22.47 -4.08
C SER B 38 -10.39 23.10 -5.46
N ILE B 39 -9.13 23.28 -5.85
CA ILE B 39 -8.85 23.90 -7.13
C ILE B 39 -9.22 22.94 -8.24
N ALA B 40 -8.85 21.67 -8.07
CA ALA B 40 -9.20 20.66 -9.05
C ALA B 40 -10.72 20.55 -9.21
N GLN B 41 -11.46 20.59 -8.11
CA GLN B 41 -12.91 20.44 -8.17
C GLN B 41 -13.57 21.69 -8.79
N TYR B 42 -12.93 22.84 -8.58
CA TYR B 42 -13.40 24.09 -9.14
C TYR B 42 -13.32 24.05 -10.67
N ALA B 43 -12.12 23.76 -11.18
CA ALA B 43 -11.91 23.65 -12.62
C ALA B 43 -12.87 22.64 -13.26
N THR B 44 -13.07 21.52 -12.58
CA THR B 44 -13.91 20.45 -13.10
C THR B 44 -15.39 20.86 -13.19
N SER B 45 -15.89 21.59 -12.19
CA SER B 45 -17.26 22.08 -12.21
C SER B 45 -17.49 23.06 -13.38
N LEU B 46 -16.60 24.04 -13.51
CA LEU B 46 -16.68 24.99 -14.63
C LEU B 46 -16.64 24.27 -15.96
N ILE B 47 -15.82 23.23 -16.05
CA ILE B 47 -15.76 22.41 -17.26
C ILE B 47 -17.08 21.68 -17.49
N GLU B 48 -17.62 21.08 -16.43
CA GLU B 48 -18.90 20.38 -16.55
C GLU B 48 -20.02 21.34 -16.97
N SER B 49 -19.93 22.60 -16.52
CA SER B 49 -20.92 23.60 -16.89
C SER B 49 -20.94 23.79 -18.40
N ASN B 50 -19.78 23.69 -19.03
CA ASN B 50 -19.65 23.88 -20.47
C ASN B 50 -18.38 23.24 -21.05
N PRO B 51 -18.47 21.97 -21.46
CA PRO B 51 -17.27 21.20 -21.81
C PRO B 51 -16.79 21.38 -23.24
N GLU B 52 -17.17 22.49 -23.88
CA GLU B 52 -16.62 22.83 -25.19
C GLU B 52 -15.12 22.83 -25.10
N PRO B 53 -14.45 22.29 -26.11
CA PRO B 53 -12.98 22.22 -26.12
C PRO B 53 -12.33 23.56 -25.82
N ASP B 54 -12.83 24.65 -26.41
CA ASP B 54 -12.17 25.92 -26.21
C ASP B 54 -12.33 26.40 -24.76
N ASN B 55 -13.47 26.11 -24.14
CA ASN B 55 -13.67 26.50 -22.75
C ASN B 55 -12.79 25.67 -21.81
N VAL B 56 -12.58 24.40 -22.16
CA VAL B 56 -11.70 23.54 -21.39
C VAL B 56 -10.27 24.06 -21.43
N ARG B 57 -9.79 24.41 -22.62
CA ARG B 57 -8.46 25.00 -22.75
C ARG B 57 -8.31 26.26 -21.89
N THR B 58 -9.28 27.17 -21.98
CA THR B 58 -9.25 28.40 -21.19
C THR B 58 -9.16 28.13 -19.68
N ILE B 59 -10.02 27.25 -19.21
CA ILE B 59 -10.05 26.87 -17.81
C ILE B 59 -8.74 26.23 -17.26
N ILE B 60 -8.09 25.36 -18.04
CA ILE B 60 -6.92 24.64 -17.52
C ILE B 60 -5.57 25.32 -17.83
N SER B 61 -5.57 26.30 -18.72
CA SER B 61 -4.31 26.92 -19.15
C SER B 61 -4.09 28.31 -18.53
N GLN B 62 -4.45 28.46 -17.27
CA GLN B 62 -4.20 29.70 -16.57
C GLN B 62 -3.03 29.46 -15.63
N PRO B 63 -2.31 30.53 -15.29
CA PRO B 63 -1.18 30.40 -14.36
C PRO B 63 -1.51 29.65 -13.08
N LEU B 64 -2.65 29.91 -12.45
CA LEU B 64 -3.01 29.23 -11.19
C LEU B 64 -2.93 27.71 -11.33
N ILE B 65 -3.39 27.22 -12.47
CA ILE B 65 -3.48 25.78 -12.72
C ILE B 65 -2.13 25.26 -13.12
N LYS B 66 -1.42 26.02 -13.94
CA LYS B 66 -0.09 25.59 -14.37
C LYS B 66 0.94 25.65 -13.22
N ASN B 67 0.67 26.47 -12.20
CA ASN B 67 1.56 26.60 -11.04
C ASN B 67 1.25 25.64 -9.90
N THR B 68 0.03 25.12 -9.88
CA THR B 68 -0.39 24.21 -8.81
C THR B 68 -0.09 22.75 -9.17
N PHE B 69 -0.26 22.42 -10.44
CA PHE B 69 -0.09 21.05 -10.91
C PHE B 69 0.98 20.92 -11.98
N LEU B 70 1.60 19.76 -12.05
CA LEU B 70 2.63 19.50 -13.05
C LEU B 70 2.04 19.57 -14.44
N LEU B 71 0.81 19.06 -14.54
CA LEU B 71 0.13 18.91 -15.80
C LEU B 71 -1.33 18.62 -15.53
N VAL B 72 -2.20 19.09 -16.43
CA VAL B 72 -3.62 18.82 -16.35
C VAL B 72 -4.13 18.39 -17.72
N GLY B 73 -5.01 17.40 -17.77
CA GLY B 73 -5.54 16.93 -19.04
C GLY B 73 -6.92 16.32 -18.91
N PHE B 74 -7.74 16.54 -19.92
CA PHE B 74 -9.09 15.97 -19.99
C PHE B 74 -9.10 14.87 -21.04
N GLY B 75 -9.29 13.61 -20.64
CA GLY B 75 -9.35 12.50 -21.58
C GLY B 75 -10.80 12.16 -21.92
N LEU B 76 -11.10 11.97 -23.20
CA LEU B 76 -12.48 11.76 -23.63
C LEU B 76 -12.80 10.28 -23.80
N GLU B 77 -13.97 9.89 -23.28
CA GLU B 77 -14.40 8.51 -23.36
C GLU B 77 -14.64 8.07 -24.81
N LYS B 78 -15.26 8.95 -25.59
CA LYS B 78 -15.64 8.67 -26.97
C LYS B 78 -14.53 8.11 -27.85
N ASP B 79 -13.34 8.70 -27.78
CA ASP B 79 -12.30 8.41 -28.77
C ASP B 79 -10.88 8.41 -28.22
N GLY B 80 -10.74 8.58 -26.92
CA GLY B 80 -9.43 8.59 -26.28
C GLY B 80 -8.62 9.82 -26.61
N SER B 81 -9.30 10.85 -27.11
CA SER B 81 -8.64 12.12 -27.38
C SER B 81 -8.50 12.88 -26.07
N ASN B 82 -7.67 13.92 -26.08
CA ASN B 82 -7.47 14.66 -24.86
C ASN B 82 -7.20 16.14 -25.12
N ILE B 83 -7.59 16.95 -24.14
CA ILE B 83 -7.21 18.36 -24.07
C ILE B 83 -6.28 18.54 -22.87
N ASN B 84 -5.10 19.10 -23.08
CA ASN B 84 -4.21 19.35 -21.93
C ASN B 84 -3.54 20.71 -22.00
N ASN B 85 -2.81 21.06 -20.94
CA ASN B 85 -2.33 22.43 -20.80
C ASN B 85 -0.82 22.56 -20.98
N ASP B 86 -0.21 21.56 -21.60
CA ASP B 86 1.18 21.70 -22.03
C ASP B 86 1.33 21.33 -23.50
N PRO B 87 1.47 22.35 -24.35
CA PRO B 87 1.56 22.13 -25.80
C PRO B 87 2.83 21.39 -26.18
N SER B 88 3.88 21.53 -25.38
CA SER B 88 5.15 20.86 -25.68
C SER B 88 4.94 19.34 -25.78
N TRP B 89 4.25 18.78 -24.80
CA TRP B 89 3.86 17.36 -24.82
C TRP B 89 2.55 17.16 -25.59
N ASN B 90 2.61 16.52 -26.75
CA ASN B 90 1.41 15.87 -27.25
C ASN B 90 1.67 14.37 -27.21
N PRO B 91 0.65 13.61 -26.79
CA PRO B 91 0.74 12.16 -26.64
C PRO B 91 1.18 11.48 -27.92
N GLY B 92 2.02 10.45 -27.79
CA GLY B 92 2.49 9.74 -28.96
C GLY B 92 1.41 8.94 -29.67
N PRO B 93 1.84 8.09 -30.61
CA PRO B 93 1.03 7.04 -31.22
C PRO B 93 0.29 6.29 -30.11
N THR B 94 1.11 5.85 -29.15
CA THR B 94 0.74 5.01 -28.03
C THR B 94 -0.48 5.44 -27.19
N TRP B 95 -0.41 6.66 -26.66
CA TRP B 95 -1.14 7.06 -25.47
C TRP B 95 -2.67 7.14 -25.62
N ASP B 96 -3.33 6.30 -24.84
CA ASP B 96 -4.78 6.35 -24.65
C ASP B 96 -5.06 6.66 -23.17
N PRO B 97 -5.64 7.83 -22.89
CA PRO B 97 -5.95 8.23 -21.50
C PRO B 97 -6.87 7.22 -20.81
N ARG B 98 -7.76 6.61 -21.58
CA ARG B 98 -8.73 5.68 -21.05
C ARG B 98 -8.10 4.45 -20.38
N VAL B 99 -6.81 4.21 -20.63
CA VAL B 99 -6.15 3.04 -20.05
C VAL B 99 -5.37 3.43 -18.80
N ARG B 100 -5.36 4.71 -18.47
CA ARG B 100 -4.52 5.20 -17.38
C ARG B 100 -5.26 5.12 -16.04
N PRO B 101 -4.50 4.91 -14.95
CA PRO B 101 -5.04 4.78 -13.59
C PRO B 101 -5.90 5.97 -13.12
N TRP B 102 -5.48 7.19 -13.39
CA TRP B 102 -6.27 8.37 -13.01
C TRP B 102 -7.62 8.35 -13.74
N TYR B 103 -7.65 7.88 -14.98
CA TYR B 103 -8.87 7.87 -15.75
C TYR B 103 -9.86 6.93 -15.11
N LYS B 104 -9.37 5.73 -14.81
CA LYS B 104 -10.24 4.68 -14.32
C LYS B 104 -10.69 4.94 -12.89
N ASP B 105 -9.78 5.50 -12.09
CA ASP B 105 -10.10 5.81 -10.70
C ASP B 105 -11.24 6.81 -10.60
N ALA B 106 -11.18 7.87 -11.39
CA ALA B 106 -12.24 8.87 -11.40
C ALA B 106 -13.54 8.28 -11.95
N LYS B 107 -13.45 7.54 -13.04
CA LYS B 107 -14.65 6.88 -13.59
C LYS B 107 -15.30 5.94 -12.57
N ASN B 108 -14.49 5.10 -11.92
CA ASN B 108 -15.00 4.15 -10.93
C ASN B 108 -15.62 4.87 -9.75
N ALA B 109 -14.91 5.88 -9.21
CA ALA B 109 -15.40 6.58 -8.03
C ALA B 109 -16.62 7.47 -8.32
N GLY B 110 -16.67 8.06 -9.51
CA GLY B 110 -17.77 8.96 -9.87
C GLY B 110 -17.75 10.27 -9.10
N LYS B 111 -16.56 10.63 -8.60
CA LYS B 111 -16.35 11.85 -7.83
C LYS B 111 -14.85 12.07 -7.71
N LEU B 112 -14.47 13.19 -7.13
CA LEU B 112 -13.05 13.53 -7.02
C LEU B 112 -12.34 12.44 -6.22
N VAL B 113 -11.21 11.98 -6.72
CA VAL B 113 -10.39 11.00 -6.02
C VAL B 113 -8.91 11.34 -6.24
N ILE B 114 -8.06 10.90 -5.33
CA ILE B 114 -6.63 10.95 -5.57
C ILE B 114 -6.10 9.53 -5.76
N THR B 115 -5.31 9.33 -6.81
CA THR B 115 -4.77 8.01 -7.10
C THR B 115 -3.78 7.57 -6.02
N ALA B 116 -3.44 6.28 -6.02
CA ALA B 116 -2.21 5.80 -5.41
C ALA B 116 -1.01 6.30 -6.23
N PRO B 117 0.21 6.26 -5.65
CA PRO B 117 1.36 6.59 -6.50
C PRO B 117 1.49 5.67 -7.72
N TYR B 118 1.87 6.22 -8.86
CA TYR B 118 2.10 5.45 -10.08
C TYR B 118 3.14 6.17 -10.92
N ALA B 119 3.67 5.48 -11.92
CA ALA B 119 4.69 6.08 -12.77
C ALA B 119 4.08 6.85 -13.94
N ASP B 120 4.50 8.10 -14.10
CA ASP B 120 4.02 8.96 -15.17
C ASP B 120 4.41 8.43 -16.56
N SER B 121 3.44 8.41 -17.48
CA SER B 121 3.64 7.95 -18.87
C SER B 121 4.90 8.47 -19.55
N ALA B 122 5.23 9.75 -19.34
CA ALA B 122 6.28 10.38 -20.13
C ALA B 122 7.65 10.39 -19.46
N SER B 123 7.68 10.64 -18.16
CA SER B 123 8.94 10.80 -17.42
C SER B 123 9.32 9.57 -16.60
N GLY B 124 8.34 8.75 -16.24
CA GLY B 124 8.57 7.65 -15.32
C GLY B 124 8.56 8.07 -13.85
N GLU B 125 8.58 9.36 -13.57
CA GLU B 125 8.62 9.82 -12.18
C GLU B 125 7.35 9.36 -11.44
N ILE B 126 7.50 9.05 -10.16
CA ILE B 126 6.39 8.63 -9.34
C ILE B 126 5.61 9.85 -8.91
N LEU B 127 4.30 9.81 -9.12
CA LEU B 127 3.42 10.92 -8.76
C LEU B 127 2.05 10.39 -8.33
N VAL B 128 1.20 11.29 -7.85
CA VAL B 128 -0.21 11.00 -7.68
C VAL B 128 -1.01 12.04 -8.50
N SER B 129 -2.22 11.68 -8.91
CA SER B 129 -3.10 12.62 -9.60
C SER B 129 -4.39 12.81 -8.84
N VAL B 130 -4.81 14.07 -8.71
CA VAL B 130 -6.20 14.37 -8.39
C VAL B 130 -6.96 14.09 -9.67
N ALA B 131 -8.00 13.26 -9.58
CA ALA B 131 -8.76 12.85 -10.75
C ALA B 131 -10.26 13.00 -10.52
N THR B 132 -10.95 13.53 -11.53
CA THR B 132 -12.40 13.78 -11.45
C THR B 132 -13.10 13.26 -12.71
N PRO B 133 -14.29 12.64 -12.56
CA PRO B 133 -15.10 12.32 -13.73
C PRO B 133 -15.77 13.60 -14.29
N VAL B 134 -16.04 13.64 -15.58
CA VAL B 134 -16.85 14.71 -16.18
C VAL B 134 -18.13 14.10 -16.71
N LYS B 135 -19.27 14.57 -16.22
CA LYS B 135 -20.57 14.07 -16.66
C LYS B 135 -21.28 15.08 -17.56
N ASP B 136 -22.11 14.57 -18.46
CA ASP B 136 -22.91 15.44 -19.31
C ASP B 136 -23.95 16.15 -18.46
N SER B 137 -23.94 17.48 -18.52
CA SER B 137 -24.85 18.29 -17.71
C SER B 137 -26.32 17.91 -17.94
N ALA B 138 -26.64 17.55 -19.18
CA ALA B 138 -28.00 17.20 -19.54
C ALA B 138 -28.33 15.75 -19.16
N THR B 139 -27.60 14.82 -19.76
CA THR B 139 -27.90 13.39 -19.62
C THR B 139 -27.43 12.81 -18.29
N GLY B 140 -26.23 13.20 -17.90
CA GLY B 140 -25.59 12.63 -16.72
C GLY B 140 -24.61 11.55 -17.13
N GLN B 141 -24.41 11.37 -18.43
CA GLN B 141 -23.53 10.30 -18.91
C GLN B 141 -22.06 10.70 -18.83
N PHE B 142 -21.24 9.70 -18.48
CA PHE B 142 -19.81 9.87 -18.32
C PHE B 142 -19.17 10.23 -19.66
N LEU B 143 -18.48 11.38 -19.68
CA LEU B 143 -17.80 11.86 -20.87
C LEU B 143 -16.29 11.62 -20.85
N GLY B 144 -15.74 11.41 -19.67
CA GLY B 144 -14.31 11.29 -19.54
C GLY B 144 -13.81 11.72 -18.19
N SER B 145 -12.49 11.76 -18.05
CA SER B 145 -11.88 12.07 -16.77
C SER B 145 -10.81 13.13 -16.93
N ILE B 146 -10.65 13.95 -15.91
CA ILE B 146 -9.57 14.92 -15.86
C ILE B 146 -8.54 14.54 -14.80
N PHE B 147 -7.26 14.65 -15.15
CA PHE B 147 -6.20 14.49 -14.17
C PHE B 147 -5.53 15.82 -13.85
N TYR B 148 -5.19 15.98 -12.58
CA TYR B 148 -4.40 17.12 -12.11
C TYR B 148 -3.17 16.54 -11.42
N ASP B 149 -2.05 16.46 -12.15
CA ASP B 149 -0.85 15.83 -11.63
C ASP B 149 -0.20 16.63 -10.49
N VAL B 150 0.09 15.91 -9.41
CA VAL B 150 0.68 16.50 -8.21
C VAL B 150 2.12 16.01 -8.01
N SER B 151 3.04 16.94 -7.75
CA SER B 151 4.43 16.56 -7.49
C SER B 151 4.64 16.07 -6.06
N LEU B 152 5.11 14.84 -5.93
CA LEU B 152 5.41 14.29 -4.62
C LEU B 152 6.64 14.96 -4.03
N ALA B 153 7.59 15.37 -4.87
CA ALA B 153 8.77 16.08 -4.35
C ALA B 153 8.34 17.40 -3.72
N GLU B 154 7.56 18.17 -4.47
CA GLU B 154 7.00 19.42 -3.96
C GLU B 154 6.16 19.16 -2.72
N LEU B 155 5.42 18.06 -2.72
CA LEU B 155 4.59 17.73 -1.57
C LEU B 155 5.44 17.53 -0.31
N ALA B 156 6.47 16.70 -0.43
CA ALA B 156 7.39 16.44 0.67
C ALA B 156 7.98 17.74 1.19
N GLU B 157 8.35 18.62 0.27
CA GLU B 157 9.01 19.88 0.57
C GLU B 157 8.09 20.82 1.35
N LEU B 158 6.82 20.82 0.97
CA LEU B 158 5.81 21.67 1.61
C LEU B 158 5.53 21.26 3.04
N VAL B 159 5.35 19.96 3.28
CA VAL B 159 4.98 19.48 4.60
C VAL B 159 6.20 19.45 5.50
N ASN B 160 7.36 19.73 4.93
CA ASN B 160 8.60 19.87 5.68
C ASN B 160 9.08 21.33 5.85
N GLU B 161 8.29 22.30 5.40
CA GLU B 161 8.72 23.71 5.38
C GLU B 161 8.88 24.28 6.79
N VAL B 162 7.80 24.34 7.55
CA VAL B 162 7.94 24.73 8.95
C VAL B 162 8.14 23.45 9.78
N LYS B 163 9.34 23.31 10.35
CA LYS B 163 9.62 22.21 11.25
C LYS B 163 10.11 22.81 12.55
N LEU B 164 9.82 22.15 13.67
CA LEU B 164 10.02 22.77 14.97
C LEU B 164 11.39 22.46 15.58
N PHE B 165 11.91 21.26 15.31
CA PHE B 165 13.06 20.77 16.07
C PHE B 165 14.35 20.64 15.28
N ASP B 166 14.27 20.76 13.95
CA ASP B 166 15.46 20.76 13.09
C ASP B 166 16.34 19.53 13.35
N ALA B 167 15.70 18.37 13.46
CA ALA B 167 16.41 17.13 13.70
C ALA B 167 15.55 15.94 13.26
N GLY B 168 15.27 15.89 11.96
CA GLY B 168 14.44 14.82 11.42
C GLY B 168 13.55 15.36 10.31
N TYR B 169 12.44 14.69 10.05
CA TYR B 169 11.64 15.06 8.90
C TYR B 169 10.22 14.51 8.95
N VAL B 170 9.38 15.05 8.07
CA VAL B 170 8.01 14.63 7.91
C VAL B 170 7.87 13.81 6.63
N PHE B 171 7.07 12.76 6.68
CA PHE B 171 6.75 11.97 5.49
C PHE B 171 5.27 11.63 5.48
N ILE B 172 4.78 11.17 4.33
CA ILE B 172 3.38 10.76 4.19
C ILE B 172 3.26 9.35 3.64
N VAL B 173 2.44 8.51 4.29
CA VAL B 173 2.19 7.16 3.79
C VAL B 173 0.69 6.92 3.62
N SER B 174 0.33 5.98 2.78
CA SER B 174 -1.04 5.48 2.78
C SER B 174 -1.20 4.54 3.98
N GLU B 175 -2.41 4.05 4.20
CA GLU B 175 -2.69 3.24 5.38
C GLU B 175 -1.93 1.90 5.38
N ASP B 176 -1.50 1.42 4.21
CA ASP B 176 -0.79 0.13 4.14
C ASP B 176 0.71 0.37 4.16
N GLY B 177 1.11 1.60 4.44
CA GLY B 177 2.52 1.95 4.53
C GLY B 177 3.22 2.26 3.22
N THR B 178 2.45 2.38 2.13
CA THR B 178 3.02 2.80 0.85
C THR B 178 3.38 4.27 0.93
N THR B 179 4.63 4.60 0.58
CA THR B 179 5.10 5.96 0.69
C THR B 179 4.46 6.87 -0.37
N ILE B 180 3.78 7.93 0.10
CA ILE B 180 3.22 8.96 -0.78
C ILE B 180 4.25 10.06 -1.04
N ALA B 181 4.90 10.52 0.03
CA ALA B 181 5.90 11.57 -0.08
C ALA B 181 6.97 11.44 1.01
N HIS B 182 8.21 11.40 0.56
CA HIS B 182 9.40 11.39 1.39
C HIS B 182 10.35 12.46 0.84
N PRO B 183 11.07 13.16 1.72
CA PRO B 183 12.14 14.08 1.31
C PRO B 183 13.08 13.52 0.23
N LYS B 184 13.47 12.25 0.35
CA LYS B 184 14.21 11.54 -0.69
C LYS B 184 13.25 10.92 -1.70
N LYS B 185 13.27 11.43 -2.93
CA LYS B 185 12.24 11.05 -3.90
C LYS B 185 12.31 9.58 -4.24
N GLU B 186 13.46 8.94 -3.99
CA GLU B 186 13.65 7.52 -4.29
C GLU B 186 12.71 6.61 -3.49
N PHE B 187 12.16 7.09 -2.39
CA PHE B 187 11.22 6.29 -1.59
C PHE B 187 9.75 6.42 -2.03
N ASN B 188 9.45 7.40 -2.89
CA ASN B 188 8.06 7.64 -3.29
C ASN B 188 7.48 6.43 -3.99
N GLY B 189 6.33 5.98 -3.51
CA GLY B 189 5.69 4.80 -4.04
C GLY B 189 6.26 3.50 -3.49
N LYS B 190 7.21 3.59 -2.57
CA LYS B 190 7.79 2.36 -2.01
C LYS B 190 7.31 2.06 -0.58
N PRO B 191 7.45 0.80 -0.14
CA PRO B 191 7.00 0.56 1.23
C PRO B 191 7.89 1.30 2.25
N MET B 192 7.27 1.80 3.30
CA MET B 192 7.95 2.66 4.25
C MET B 192 9.02 1.93 5.05
N SER B 193 8.97 0.60 5.08
CA SER B 193 10.02 -0.18 5.73
C SER B 193 11.40 0.12 5.11
N GLU B 194 11.45 0.60 3.87
CA GLU B 194 12.72 0.92 3.25
C GLU B 194 13.48 2.02 4.00
N PHE B 195 12.77 2.85 4.76
CA PHE B 195 13.45 3.90 5.53
C PHE B 195 13.11 3.85 7.03
N LEU B 196 12.10 3.06 7.40
CA LEU B 196 11.75 2.84 8.82
C LEU B 196 12.10 1.45 9.35
N GLY B 197 12.34 0.50 8.47
CA GLY B 197 12.46 -0.88 8.89
C GLY B 197 11.11 -1.54 9.11
N GLU B 198 10.32 -0.99 10.03
CA GLU B 198 9.00 -1.53 10.32
C GLU B 198 8.06 -1.35 9.10
N SER B 199 7.10 -2.25 8.94
CA SER B 199 6.33 -2.31 7.70
C SER B 199 4.88 -1.88 7.92
N LYS B 200 4.42 -1.98 9.16
CA LYS B 200 3.06 -1.61 9.54
C LYS B 200 3.08 -0.36 10.41
N ILE B 201 2.03 0.44 10.27
CA ILE B 201 1.99 1.71 10.96
C ILE B 201 1.67 1.52 12.43
N ASN B 202 2.54 2.04 13.29
CA ASN B 202 2.23 2.13 14.71
C ASN B 202 1.99 3.59 15.02
N VAL B 203 0.71 3.95 15.12
CA VAL B 203 0.30 5.35 15.25
C VAL B 203 0.96 6.06 16.45
N ASP B 204 0.88 5.44 17.63
CA ASP B 204 1.52 5.94 18.84
C ASP B 204 3.02 6.17 18.73
N THR B 205 3.48 7.27 19.31
CA THR B 205 4.90 7.55 19.41
C THR B 205 5.62 6.31 19.93
N HIS B 206 6.71 5.95 19.27
CA HIS B 206 7.50 4.79 19.63
C HIS B 206 8.92 4.99 19.14
N GLN B 207 9.83 4.19 19.68
CA GLN B 207 11.23 4.34 19.38
C GLN B 207 11.54 3.50 18.17
N VAL B 208 12.27 4.07 17.24
CA VAL B 208 12.75 3.28 16.13
C VAL B 208 14.25 3.47 16.06
N ILE B 209 14.98 2.36 16.01
CA ILE B 209 16.43 2.42 15.86
C ILE B 209 16.75 2.43 14.39
N ILE B 210 17.52 3.44 13.99
CA ILE B 210 17.94 3.59 12.63
C ILE B 210 19.41 3.90 12.66
N ASN B 211 20.20 3.03 12.04
CA ASN B 211 21.64 3.26 11.94
C ASN B 211 22.30 3.25 13.33
N GLY B 212 21.70 2.50 14.26
CA GLY B 212 22.22 2.40 15.62
C GLY B 212 21.77 3.50 16.56
N LYS B 213 21.11 4.53 16.04
CA LYS B 213 20.63 5.64 16.86
C LYS B 213 19.12 5.56 17.09
N PRO B 214 18.64 6.05 18.25
CA PRO B 214 17.20 6.08 18.54
C PRO B 214 16.50 7.32 17.97
N TYR B 215 15.36 7.07 17.31
CA TYR B 215 14.52 8.13 16.78
C TYR B 215 13.14 7.91 17.32
N ALA B 216 12.41 8.98 17.57
CA ALA B 216 11.01 8.83 17.92
C ALA B 216 10.19 8.93 16.63
N VAL B 217 9.29 7.98 16.43
CA VAL B 217 8.46 7.98 15.23
C VAL B 217 7.01 7.96 15.65
N SER B 218 6.20 8.80 15.00
CA SER B 218 4.80 8.99 15.37
C SER B 218 3.97 9.36 14.13
N PHE B 219 2.73 8.88 14.07
CA PHE B 219 1.87 9.16 12.92
C PHE B 219 0.61 9.89 13.33
N SER B 220 -0.04 10.52 12.35
CA SER B 220 -1.34 11.14 12.57
C SER B 220 -2.13 11.13 11.26
N ASP B 221 -3.37 10.69 11.32
CA ASP B 221 -4.19 10.53 10.12
C ASP B 221 -4.39 11.88 9.40
N VAL B 222 -4.51 11.82 8.07
CA VAL B 222 -4.78 13.03 7.31
C VAL B 222 -6.27 13.06 6.96
N GLU B 223 -6.97 14.06 7.50
CA GLU B 223 -8.40 14.21 7.25
C GLU B 223 -8.66 14.27 5.76
N GLY B 224 -9.63 13.48 5.30
CA GLY B 224 -10.04 13.53 3.90
C GLY B 224 -9.36 12.53 2.99
N GLU B 225 -8.22 12.01 3.42
CA GLU B 225 -7.55 10.95 2.67
C GLU B 225 -7.33 9.78 3.57
N ASP B 226 -6.95 8.66 2.96
CA ASP B 226 -6.54 7.53 3.74
C ASP B 226 -5.02 7.56 3.73
N TRP B 227 -4.49 8.63 4.32
CA TRP B 227 -3.05 8.80 4.50
C TRP B 227 -2.75 9.06 5.97
N TYR B 228 -1.54 8.73 6.36
CA TYR B 228 -0.99 9.25 7.60
C TYR B 228 0.18 10.11 7.26
N VAL B 229 0.40 11.15 8.04
CA VAL B 229 1.71 11.78 8.11
C VAL B 229 2.51 11.13 9.22
N GLY B 230 3.80 10.94 8.97
CA GLY B 230 4.68 10.42 9.99
C GLY B 230 5.77 11.42 10.27
N VAL B 231 6.37 11.28 11.43
CA VAL B 231 7.47 12.13 11.82
C VAL B 231 8.60 11.23 12.29
N VAL B 232 9.84 11.59 11.95
CA VAL B 232 11.00 10.86 12.44
C VAL B 232 11.93 11.87 13.09
N ILE B 233 12.11 11.80 14.41
CA ILE B 233 12.91 12.81 15.10
C ILE B 233 14.04 12.21 15.96
N ASP B 234 15.25 12.71 15.76
CA ASP B 234 16.39 12.38 16.63
C ASP B 234 16.04 12.72 18.08
N GLU B 235 16.07 11.71 18.94
CA GLU B 235 15.65 11.87 20.32
C GLU B 235 16.54 12.81 21.13
N GLU B 236 17.86 12.77 20.92
CA GLU B 236 18.74 13.60 21.72
C GLU B 236 18.55 15.10 21.43
N ILE B 237 17.96 15.41 20.30
CA ILE B 237 17.66 16.82 20.03
C ILE B 237 16.17 17.10 20.31
N ALA B 238 15.34 16.12 19.94
CA ALA B 238 13.87 16.18 20.15
C ALA B 238 13.47 16.47 21.62
N TYR B 239 14.31 16.03 22.56
CA TYR B 239 14.06 16.23 23.98
C TYR B 239 15.28 16.88 24.68
#